data_2KRV
#
_entry.id   2KRV
#
_entity_poly.entity_id   1
_entity_poly.type   'polyribonucleotide'
_entity_poly.pdbx_seq_one_letter_code
;CUCGG(RSP)UICGAACCGAG
;
_entity_poly.pdbx_strand_id   A
#
loop_
_chem_comp.id
_chem_comp.type
_chem_comp.name
_chem_comp.formula
A RNA linking ADENOSINE-5'-MONOPHOSPHATE 'C10 H14 N5 O7 P'
C RNA linking CYTIDINE-5'-MONOPHOSPHATE 'C9 H14 N3 O8 P'
G RNA linking GUANOSINE-5'-MONOPHOSPHATE 'C10 H14 N5 O8 P'
I RNA linking 'INOSINIC ACID' 'C10 H13 N4 O8 P'
RSP RNA linking 4-amino-1-(5-O-phosphono-beta-D-ribofuranosyl)pyrimidine-2(1H)-thione 'C9 H14 N3 O7 P S'
U RNA linking URIDINE-5'-MONOPHOSPHATE 'C9 H13 N2 O9 P'
#
# COMPACT_ATOMS: atom_id res chain seq x y z
P RSP A 6 -2.99 0.31 1.97
N1 RSP A 6 0.78 -1.20 -1.05
C2 RSP A 6 1.36 -1.73 -2.20
S2 RSP A 6 3.02 -1.94 -2.25
N3 RSP A 6 0.56 -2.06 -3.25
C4 RSP A 6 -0.76 -1.86 -3.17
N4 RSP A 6 -1.50 -2.21 -4.22
C5 RSP A 6 -1.37 -1.31 -2.01
C6 RSP A 6 -0.58 -0.99 -0.98
C1' RSP A 6 1.65 -0.87 0.10
C2' RSP A 6 2.31 0.50 0.02
O2' RSP A 6 3.60 0.40 0.58
C3' RSP A 6 1.38 1.36 0.89
O3' RSP A 6 2.05 2.47 1.48
C4' RSP A 6 0.91 0.37 1.94
O4' RSP A 6 0.85 -0.90 1.28
C5' RSP A 6 -0.45 0.67 2.55
O5' RSP A 6 -1.47 0.51 1.55
OP1 RSP A 6 -3.79 0.20 0.72
OP2 RSP A 6 -3.34 1.35 2.97
H5 RSP A 6 -2.44 -1.15 -1.96
H6 RSP A 6 -1.01 -0.57 -0.08
H5' RSP A 6 -0.46 1.70 2.91
H1' RSP A 6 2.38 -1.67 0.19
H2' RSP A 6 2.33 0.87 -1.01
HO2' RSP A 6 4.21 0.77 -0.05
H3' RSP A 6 0.54 1.78 0.32
H4' RSP A 6 1.64 0.42 2.76
HN4 RSP A 6 -2.50 -2.08 -4.20
HN4A RSP A 6 -1.05 -2.61 -5.03
H5'A RSP A 6 -0.63 0.00 3.38
P RSP A 6 -3.26 0.97 1.85
N1 RSP A 6 1.12 -0.62 0.07
C2 RSP A 6 1.92 -1.43 -0.74
S2 RSP A 6 3.58 -1.48 -0.46
N3 RSP A 6 1.36 -2.14 -1.74
C4 RSP A 6 0.04 -2.07 -1.94
N4 RSP A 6 -0.49 -2.80 -2.93
C5 RSP A 6 -0.80 -1.25 -1.13
C6 RSP A 6 -0.23 -0.55 -0.15
C1' RSP A 6 1.75 0.13 1.16
C2' RSP A 6 2.23 1.53 0.77
O2' RSP A 6 3.36 1.87 1.57
C3' RSP A 6 1.02 2.38 1.13
O3' RSP A 6 1.37 3.75 1.36
C4' RSP A 6 0.53 1.71 2.40
O4' RSP A 6 0.79 0.30 2.20
C5' RSP A 6 -0.96 1.90 2.68
O5' RSP A 6 -1.73 1.35 1.63
OP1 RSP A 6 -3.78 0.41 0.58
OP2 RSP A 6 -3.95 2.14 2.48
H5 RSP A 6 -1.88 -1.20 -1.30
H6 RSP A 6 -0.84 0.09 0.48
H5' RSP A 6 -1.17 2.96 2.78
H1' RSP A 6 2.56 -0.47 1.58
H2' RSP A 6 2.45 1.59 -0.30
HO2' RSP A 6 3.14 2.67 2.02
H3' RSP A 6 0.27 2.39 0.34
H4' RSP A 6 1.08 2.16 3.23
HN4 RSP A 6 -1.48 -2.77 -3.10
HN4A RSP A 6 0.11 -3.38 -3.49
H5'A RSP A 6 -1.20 1.40 3.63
P RSP A 6 -3.36 0.94 2.09
N1 RSP A 6 0.08 -1.05 -0.81
C2 RSP A 6 0.51 -1.90 -1.83
S2 RSP A 6 2.15 -2.25 -1.96
N3 RSP A 6 -0.39 -2.40 -2.70
C4 RSP A 6 -1.68 -2.10 -2.57
N4 RSP A 6 -2.54 -2.64 -3.44
C5 RSP A 6 -2.15 -1.23 -1.55
C6 RSP A 6 -1.24 -0.74 -0.69
C1' RSP A 6 1.07 -0.50 0.13
C2' RSP A 6 1.70 0.82 -0.32
O2' RSP A 6 3.01 0.89 0.20
C3' RSP A 6 0.77 1.82 0.36
O3' RSP A 6 1.38 3.10 0.54
C4' RSP A 6 0.48 1.15 1.69
O4' RSP A 6 0.43 -0.27 1.38
C5' RSP A 6 -0.82 1.55 2.35
O5' RSP A 6 -1.92 1.23 1.50
OP1 RSP A 6 -4.23 0.48 0.98
OP2 RSP A 6 -3.79 2.12 2.90
H5 RSP A 6 -3.21 -0.99 -1.46
H6 RSP A 6 -1.57 -0.07 0.10
H5' RSP A 6 -0.80 2.61 2.55
H1' RSP A 6 1.83 -1.27 0.30
H2' RSP A 6 1.66 0.93 -1.40
HO2' RSP A 6 3.60 1.04 -0.54
H3' RSP A 6 -0.15 2.00 -0.21
H4' RSP A 6 1.30 1.41 2.37
HN4 RSP A 6 -3.52 -2.43 -3.38
HN4A RSP A 6 -2.19 -3.26 -4.17
H5'A RSP A 6 -0.92 1.01 3.29
P RSP A 6 -3.51 0.74 1.47
N1 RSP A 6 0.36 -1.18 -1.00
C2 RSP A 6 0.95 -2.03 -1.92
S2 RSP A 6 2.60 -2.33 -1.83
N3 RSP A 6 0.19 -2.61 -2.89
C4 RSP A 6 -1.12 -2.35 -2.94
N4 RSP A 6 -1.84 -2.93 -3.90
C5 RSP A 6 -1.75 -1.48 -2.00
C6 RSP A 6 -0.99 -0.92 -1.06
C1' RSP A 6 1.20 -0.57 0.04
C2' RSP A 6 1.77 0.80 -0.35
O2' RSP A 6 3.02 0.95 0.29
C3' RSP A 6 0.72 1.73 0.23
O3' RSP A 6 1.21 3.05 0.43
C4' RSP A 6 0.35 1.03 1.54
O4' RSP A 6 0.42 -0.39 1.21
C5' RSP A 6 -1.02 1.35 2.06
O5' RSP A 6 -2.01 1.09 1.07
OP1 RSP A 6 -4.21 0.27 0.25
OP2 RSP A 6 -4.06 1.87 2.25
H5 RSP A 6 -2.83 -1.27 -2.05
H6 RSP A 6 -1.44 -0.26 -0.33
H5' RSP A 6 -1.05 2.41 2.35
H1' RSP A 6 1.98 -1.28 0.29
H2' RSP A 6 1.83 0.90 -1.44
HO2' RSP A 6 3.66 1.14 -0.39
H3' RSP A 6 -0.16 1.83 -0.42
H4' RSP A 6 1.08 1.35 2.28
HN4 RSP A 6 -2.83 -2.76 -3.97
HN4A RSP A 6 -1.39 -3.56 -4.55
H5'A RSP A 6 -1.21 0.75 2.95
P RSP A 6 -3.03 0.27 2.70
N1 RSP A 6 0.50 -1.26 -0.50
C2 RSP A 6 0.98 -1.91 -1.64
S2 RSP A 6 2.64 -2.14 -1.78
N3 RSP A 6 0.13 -2.33 -2.59
C4 RSP A 6 -1.18 -2.12 -2.44
N4 RSP A 6 -2.00 -2.56 -3.41
C5 RSP A 6 -1.71 -1.46 -1.30
C6 RSP A 6 -0.85 -1.05 -0.36
C1' RSP A 6 1.43 -0.83 0.54
C2' RSP A 6 2.07 0.54 0.28
O2' RSP A 6 3.37 0.53 0.82
C3' RSP A 6 1.14 1.46 1.07
O3' RSP A 6 1.77 2.68 1.46
C4' RSP A 6 0.81 0.60 2.28
O4' RSP A 6 0.74 -0.75 1.77
C5' RSP A 6 -0.49 0.93 2.98
O5' RSP A 6 -1.60 0.66 2.11
OP1 RSP A 6 -3.91 -0.10 1.56
OP2 RSP A 6 -3.46 1.33 3.64
H5 RSP A 6 -2.79 -1.30 -1.19
H6 RSP A 6 -1.22 -0.53 0.52
H5' RSP A 6 -0.49 1.99 3.25
H1' RSP A 6 2.20 -1.61 0.65
H2' RSP A 6 2.06 0.80 -0.79
HO2' RSP A 6 3.42 1.23 1.47
H3' RSP A 6 0.25 1.74 0.51
H4' RSP A 6 1.61 0.75 3.01
HN4 RSP A 6 -2.99 -2.42 -3.32
HN4A RSP A 6 -1.62 -3.03 -4.21
H5'A RSP A 6 -0.59 0.33 3.89
P RSP A 6 -3.43 0.96 2.13
N1 RSP A 6 0.64 -0.42 -0.32
C2 RSP A 6 1.36 -1.18 -1.26
S2 RSP A 6 3.01 -1.31 -1.10
N3 RSP A 6 0.68 -1.80 -2.25
C4 RSP A 6 -0.65 -1.67 -2.34
N4 RSP A 6 -1.27 -2.29 -3.35
C5 RSP A 6 -1.39 -0.89 -1.40
C6 RSP A 6 -0.71 -0.29 -0.43
C1' RSP A 6 1.38 0.23 0.77
C2' RSP A 6 1.88 1.64 0.44
O2' RSP A 6 3.09 1.86 1.14
C3' RSP A 6 0.74 2.49 1.00
O3' RSP A 6 1.15 3.82 1.31
C4' RSP A 6 0.35 1.73 2.25
O4' RSP A 6 0.52 0.34 1.90
C5' RSP A 6 -1.08 1.95 2.72
O5' RSP A 6 -1.99 1.49 1.72
OP1 RSP A 6 -4.04 0.32 0.92
OP2 RSP A 6 -4.16 2.05 2.81
H5 RSP A 6 -2.47 -0.79 -1.50
H6 RSP A 6 -1.25 0.31 0.31
H5' RSP A 6 -1.23 3.00 2.90
H1' RSP A 6 2.20 -0.43 1.06
H2' RSP A 6 1.98 1.78 -0.64
HO2' RSP A 6 3.67 2.34 0.55
H3' RSP A 6 -0.09 2.59 0.30
H4' RSP A 6 1.01 2.06 3.05
HN4 RSP A 6 -2.27 -2.22 -3.44
HN4A RSP A 6 -0.73 -2.84 -4.00
H5'A RSP A 6 -1.23 1.40 3.64
P RSP A 6 -3.37 0.44 1.87
N1 RSP A 6 1.07 -0.77 -0.10
C2 RSP A 6 1.90 -1.51 -0.94
S2 RSP A 6 3.55 -1.54 -0.66
N3 RSP A 6 1.35 -2.19 -1.98
C4 RSP A 6 0.03 -2.14 -2.18
N4 RSP A 6 -0.47 -2.84 -3.20
C5 RSP A 6 -0.83 -1.38 -1.35
C6 RSP A 6 -0.28 -0.72 -0.33
C1' RSP A 6 1.67 -0.05 1.03
C2' RSP A 6 2.17 1.35 0.69
O2' RSP A 6 3.28 1.65 1.52
C3' RSP A 6 0.97 2.21 1.05
O3' RSP A 6 1.32 3.55 1.39
C4' RSP A 6 0.39 1.48 2.27
O4' RSP A 6 0.69 0.08 2.05
C5' RSP A 6 -1.10 1.64 2.48
O5' RSP A 6 -1.81 0.71 1.65
OP1 RSP A 6 -3.97 0.16 0.54
OP2 RSP A 6 -3.92 1.54 2.70
H5 RSP A 6 -1.91 -1.35 -1.53
H6 RSP A 6 -0.91 -0.13 0.33
H5' RSP A 6 -1.39 2.66 2.22
H1' RSP A 6 2.47 -0.67 1.45
H2' RSP A 6 2.41 1.45 -0.37
HO2' RSP A 6 3.49 2.58 1.38
H3' RSP A 6 0.24 2.28 0.25
H4' RSP A 6 0.89 1.91 3.15
HN4 RSP A 6 -1.47 -2.83 -3.38
HN4A RSP A 6 0.14 -3.38 -3.80
H5'A RSP A 6 -1.34 1.45 3.53
P RSP A 6 -2.34 0.03 2.57
N1 RSP A 6 1.78 -1.22 -0.47
C2 RSP A 6 2.46 -1.80 -1.55
S2 RSP A 6 4.13 -1.80 -1.55
N3 RSP A 6 1.74 -2.34 -2.57
C4 RSP A 6 0.41 -2.30 -2.54
N4 RSP A 6 -0.25 -2.84 -3.56
C5 RSP A 6 -0.30 -1.71 -1.45
C6 RSP A 6 0.41 -1.19 -0.45
C1' RSP A 6 2.56 -0.67 0.65
C2' RSP A 6 2.79 0.85 0.56
O2' RSP A 6 4.08 1.13 1.06
C3' RSP A 6 1.70 1.38 1.48
O3' RSP A 6 2.04 2.63 2.07
C4' RSP A 6 1.58 0.31 2.54
O4' RSP A 6 1.87 -0.94 1.84
C5' RSP A 6 0.22 0.19 3.19
O5' RSP A 6 -0.79 0.04 2.19
OP1 RSP A 6 -3.12 0.12 1.32
OP2 RSP A 6 -2.55 1.04 3.65
H5 RSP A 6 -1.40 -1.69 -1.44
H6 RSP A 6 -0.10 -0.73 0.39
H5' RSP A 6 0.04 1.09 3.77
H1' RSP A 6 3.50 -1.21 0.69
H2' RSP A 6 2.65 1.21 -0.46
HO2' RSP A 6 4.01 1.99 1.51
H3' RSP A 6 0.75 1.55 0.96
H4' RSP A 6 2.30 0.55 3.32
HN4 RSP A 6 -1.26 -2.84 -3.58
HN4A RSP A 6 0.26 -3.25 -4.33
H5'A RSP A 6 0.22 -0.67 3.86
P RSP A 6 -4.08 0.58 0.59
N1 RSP A 6 0.45 -1.05 -1.01
C2 RSP A 6 1.32 -1.87 -1.73
S2 RSP A 6 2.96 -1.88 -1.33
N3 RSP A 6 0.84 -2.63 -2.74
C4 RSP A 6 -0.47 -2.60 -3.02
N4 RSP A 6 -0.90 -3.37 -4.02
C5 RSP A 6 -1.38 -1.77 -2.30
C6 RSP A 6 -0.89 -1.02 -1.32
C1' RSP A 6 0.99 -0.23 0.09
C2' RSP A 6 1.46 1.15 -0.35
O2' RSP A 6 2.55 1.53 0.48
C3' RSP A 6 0.23 2.00 -0.06
O3' RSP A 6 0.53 3.37 0.13
C4' RSP A 6 -0.31 1.37 1.22
O4' RSP A 6 -0.03 -0.05 1.06
C5' RSP A 6 -1.79 1.56 1.45
O5' RSP A 6 -2.54 0.96 0.40
OP1 RSP A 6 -4.55 -0.08 -0.65
OP2 RSP A 6 -4.79 1.78 1.11
H5 RSP A 6 -2.44 -1.76 -2.55
H6 RSP A 6 -1.55 -0.38 -0.75
H5' RSP A 6 -2.01 2.62 1.50
H1' RSP A 6 1.79 -0.80 0.58
H2' RSP A 6 1.71 1.17 -1.41
HO2' RSP A 6 2.76 2.45 0.26
H3' RSP A 6 -0.50 1.95 -0.87
H4' RSP A 6 0.22 1.83 2.05
HN4 RSP A 6 -1.88 -3.38 -4.27
HN4A RSP A 6 -0.25 -3.95 -4.52
H5'A RSP A 6 -2.06 1.09 2.40
P RSP A 6 -3.37 1.05 0.92
N1 RSP A 6 0.84 -0.91 -1.07
C2 RSP A 6 1.57 -1.83 -1.84
S2 RSP A 6 3.24 -1.86 -1.69
N3 RSP A 6 0.91 -2.66 -2.67
C4 RSP A 6 -0.41 -2.60 -2.76
N4 RSP A 6 -1.02 -3.45 -3.59
C5 RSP A 6 -1.18 -1.68 -1.99
C6 RSP A 6 -0.52 -0.86 -1.17
C1' RSP A 6 1.57 0.00 -0.16
C2' RSP A 6 1.96 1.33 -0.79
O2' RSP A 6 3.16 1.77 -0.19
C3' RSP A 6 0.77 2.20 -0.38
O3' RSP A 6 1.09 3.59 -0.40
C4' RSP A 6 0.47 1.71 1.02
O4' RSP A 6 0.74 0.28 0.95
C5' RSP A 6 -0.95 1.91 1.48
O5' RSP A 6 -1.86 1.36 0.52
OP1 RSP A 6 -4.00 0.30 -0.19
OP2 RSP A 6 -4.00 2.30 1.40
H5 RSP A 6 -2.27 -1.64 -2.07
H6 RSP A 6 -1.07 -0.13 -0.58
H5' RSP A 6 -1.14 2.99 1.57
H1' RSP A 6 2.44 -0.54 0.22
H2' RSP A 6 2.03 1.25 -1.88
HO2' RSP A 6 3.00 2.67 0.13
H3' RSP A 6 -0.08 2.08 -1.04
H4' RSP A 6 1.12 2.25 1.70
HN4 RSP A 6 -2.02 -3.43 -3.68
HN4A RSP A 6 -0.47 -4.11 -4.13
H5'A RSP A 6 -1.09 1.45 2.44
#